data_9MFC
#
_entry.id   9MFC
#
_cell.length_a   93.107
_cell.length_b   93.107
_cell.length_c   131.836
_cell.angle_alpha   90.00
_cell.angle_beta   90.00
_cell.angle_gamma   120.00
#
_symmetry.space_group_name_H-M   'H 3 2'
#
loop_
_entity.id
_entity.type
_entity.pdbx_description
1 polymer 'Purine nucleoside phosphorylase, putative'
2 non-polymer 'CHLORIDE ION'
3 non-polymer ADENOSINE
4 non-polymer 'PHOSPHATE ION'
5 water water
#
_entity_poly.entity_id   1
_entity_poly.type   'polypeptide(L)'
_entity_poly.pdbx_seq_one_letter_code
;MAHHHHHHMATPHNSAKVGDFAETVLMCGDPLRAKLIADNYLENAKQVNSVRGMLGFTGTYKGKPLSVMGHGMGIPSISI
YAEELYNVYKVKTIIRVGTCGTVDPNVHVRDVCIVTASGTDSNVNRMRLLGHDFPATANFEVVSALVESAKALNIPTQVG
KAYSTDIFYSKEQGLNEALAQYHFIAVEMESAGLFPIADYYGARAGCICTVSDHIITHESATPEERQTSFQNMIKIALEA
TLKL
;
_entity_poly.pdbx_strand_id   A
#
# COMPACT_ATOMS: atom_id res chain seq x y z
N HIS A 5 -5.38 22.76 -24.03
CA HIS A 5 -4.80 23.45 -22.85
C HIS A 5 -3.58 22.70 -22.35
N HIS A 6 -2.68 23.41 -21.68
CA HIS A 6 -1.41 22.82 -21.23
C HIS A 6 -1.08 23.35 -19.85
N HIS A 7 -0.81 22.43 -18.92
CA HIS A 7 -0.38 22.78 -17.58
C HIS A 7 1.08 22.39 -17.43
N HIS A 8 1.81 23.15 -16.63
CA HIS A 8 3.17 22.77 -16.30
C HIS A 8 3.16 21.41 -15.63
N MET A 9 4.12 20.57 -16.01
CA MET A 9 4.23 19.21 -15.49
C MET A 9 5.44 19.15 -14.57
N ALA A 10 5.19 19.07 -13.27
CA ALA A 10 6.29 18.95 -12.30
C ALA A 10 7.01 17.62 -12.41
N THR A 11 6.31 16.58 -12.87
CA THR A 11 6.95 15.32 -13.22
C THR A 11 6.31 14.87 -14.53
N PRO A 12 6.87 13.87 -15.21
CA PRO A 12 6.25 13.39 -16.45
C PRO A 12 4.90 12.71 -16.24
N HIS A 13 4.52 12.41 -15.00
CA HIS A 13 3.34 11.61 -14.70
C HIS A 13 2.38 12.30 -13.74
N ASN A 14 2.61 13.56 -13.40
CA ASN A 14 1.84 14.22 -12.35
C ASN A 14 1.82 15.71 -12.63
N SER A 15 0.63 16.29 -12.74
CA SER A 15 0.50 17.71 -12.98
C SER A 15 0.35 18.53 -11.71
N ALA A 16 0.32 17.89 -10.54
CA ALA A 16 0.21 18.63 -9.30
C ALA A 16 1.39 19.59 -9.18
N LYS A 17 1.11 20.77 -8.65
CA LYS A 17 2.18 21.72 -8.34
C LYS A 17 2.93 21.24 -7.10
N VAL A 18 4.22 21.53 -7.07
CA VAL A 18 4.99 21.26 -5.87
C VAL A 18 4.28 21.92 -4.69
N GLY A 19 4.16 21.18 -3.58
CA GLY A 19 3.42 21.63 -2.43
C GLY A 19 1.98 21.17 -2.39
N ASP A 20 1.43 20.67 -3.50
CA ASP A 20 0.02 20.27 -3.57
C ASP A 20 -0.25 18.92 -2.92
N PHE A 21 0.79 18.17 -2.55
CA PHE A 21 0.63 16.94 -1.77
C PHE A 21 1.00 17.20 -0.32
N ALA A 22 0.19 16.66 0.58
CA ALA A 22 0.53 16.66 1.98
C ALA A 22 1.77 15.79 2.23
N GLU A 23 2.34 15.94 3.42
CA GLU A 23 3.50 15.13 3.78
C GLU A 23 3.16 13.66 4.00
N THR A 24 1.89 13.35 4.26
CA THR A 24 1.42 11.99 4.43
C THR A 24 0.46 11.68 3.28
N VAL A 25 0.65 10.52 2.65
CA VAL A 25 -0.14 10.11 1.50
C VAL A 25 -0.54 8.65 1.67
N LEU A 26 -1.84 8.37 1.47
CA LEU A 26 -2.32 7.01 1.28
C LEU A 26 -2.34 6.72 -0.23
N MET A 27 -1.91 5.52 -0.61
CA MET A 27 -1.97 5.13 -2.00
C MET A 27 -2.59 3.75 -2.14
N CYS A 28 -3.44 3.60 -3.16
CA CYS A 28 -4.08 2.34 -3.48
C CYS A 28 -3.90 2.13 -4.97
N GLY A 29 -4.04 0.88 -5.41
CA GLY A 29 -3.80 0.61 -6.82
C GLY A 29 -4.80 1.28 -7.74
N ASP A 30 -6.08 1.28 -7.34
CA ASP A 30 -7.18 1.70 -8.19
C ASP A 30 -7.41 3.20 -8.04
N PRO A 31 -7.19 4.02 -9.08
CA PRO A 31 -7.48 5.46 -8.93
C PRO A 31 -8.92 5.75 -8.57
N LEU A 32 -9.86 4.89 -8.98
CA LEU A 32 -11.26 5.11 -8.61
C LEU A 32 -11.47 4.92 -7.11
N ARG A 33 -10.68 4.04 -6.48
CA ARG A 33 -10.73 3.90 -5.03
C ARG A 33 -10.11 5.11 -4.34
N ALA A 34 -9.08 5.72 -4.94
CA ALA A 34 -8.55 6.97 -4.39
C ALA A 34 -9.63 8.05 -4.37
N LYS A 35 -10.41 8.14 -5.43
CA LYS A 35 -11.52 9.09 -5.46
C LYS A 35 -12.54 8.80 -4.37
N LEU A 36 -12.90 7.52 -4.19
CA LEU A 36 -13.84 7.15 -3.13
C LEU A 36 -13.30 7.54 -1.76
N ILE A 37 -12.01 7.31 -1.51
CA ILE A 37 -11.43 7.68 -0.22
C ILE A 37 -11.52 9.19 -0.01
N ALA A 38 -11.14 9.96 -1.03
CA ALA A 38 -11.21 11.41 -0.92
C ALA A 38 -12.64 11.86 -0.66
N ASP A 39 -13.59 11.34 -1.45
CA ASP A 39 -14.98 11.79 -1.37
C ASP A 39 -15.62 11.42 -0.04
N ASN A 40 -15.23 10.28 0.55
CA ASN A 40 -15.92 9.77 1.72
C ASN A 40 -15.20 10.05 3.03
N TYR A 41 -13.91 10.38 2.99
CA TYR A 41 -13.15 10.54 4.22
C TYR A 41 -12.36 11.83 4.33
N LEU A 42 -12.07 12.52 3.24
CA LEU A 42 -11.31 13.77 3.32
C LEU A 42 -12.24 14.96 3.34
N GLU A 43 -11.81 16.00 4.03
CA GLU A 43 -12.41 17.33 3.96
C GLU A 43 -11.42 18.27 3.30
N ASN A 44 -11.86 19.46 2.94
CA ASN A 44 -11.00 20.45 2.29
C ASN A 44 -10.33 19.88 1.05
N ALA A 45 -11.01 18.97 0.36
CA ALA A 45 -10.36 18.13 -0.64
C ALA A 45 -10.40 18.79 -2.02
N LYS A 46 -9.31 18.61 -2.76
CA LYS A 46 -9.18 19.05 -4.14
C LYS A 46 -8.48 17.94 -4.90
N GLN A 47 -8.91 17.73 -6.14
CA GLN A 47 -8.16 16.87 -7.04
C GLN A 47 -6.91 17.61 -7.50
N VAL A 48 -5.76 16.95 -7.38
CA VAL A 48 -4.49 17.57 -7.74
C VAL A 48 -3.81 16.89 -8.91
N ASN A 49 -4.25 15.72 -9.33
CA ASN A 49 -3.69 15.09 -10.52
C ASN A 49 -4.75 14.23 -11.20
N SER A 50 -4.68 14.19 -12.53
CA SER A 50 -5.44 13.21 -13.30
C SER A 50 -4.66 12.71 -14.51
N VAL A 51 -3.35 12.99 -14.59
CA VAL A 51 -2.55 12.48 -15.69
C VAL A 51 -2.64 10.96 -15.71
N ARG A 52 -2.82 10.40 -16.92
CA ARG A 52 -2.98 8.97 -17.14
C ARG A 52 -4.13 8.38 -16.34
N GLY A 53 -5.09 9.21 -15.92
CA GLY A 53 -6.19 8.72 -15.13
C GLY A 53 -5.83 8.40 -13.71
N MET A 54 -4.60 8.71 -13.27
CA MET A 54 -4.12 8.28 -11.95
C MET A 54 -4.49 9.35 -10.92
N LEU A 55 -5.76 9.34 -10.54
CA LEU A 55 -6.34 10.39 -9.72
C LEU A 55 -5.63 10.53 -8.39
N GLY A 56 -5.36 11.78 -8.02
CA GLY A 56 -4.79 12.10 -6.72
C GLY A 56 -5.50 13.31 -6.15
N PHE A 57 -5.58 13.36 -4.82
CA PHE A 57 -6.37 14.32 -4.09
C PHE A 57 -5.63 14.73 -2.81
N THR A 58 -5.86 15.98 -2.40
CA THR A 58 -5.30 16.49 -1.15
C THR A 58 -6.38 17.19 -0.36
N GLY A 59 -6.42 16.87 0.94
CA GLY A 59 -7.33 17.52 1.86
C GLY A 59 -6.86 17.34 3.28
N THR A 60 -7.81 17.08 4.19
CA THR A 60 -7.50 16.86 5.59
C THR A 60 -8.32 15.68 6.09
N TYR A 61 -7.79 14.99 7.09
CA TYR A 61 -8.53 13.99 7.85
C TYR A 61 -8.41 14.39 9.31
N LYS A 62 -9.55 14.69 9.92
CA LYS A 62 -9.62 15.21 11.29
C LYS A 62 -8.67 16.39 11.48
N GLY A 63 -8.61 17.26 10.48
CA GLY A 63 -7.86 18.49 10.54
C GLY A 63 -6.44 18.40 10.05
N LYS A 64 -5.88 17.18 9.93
CA LYS A 64 -4.47 17.01 9.58
C LYS A 64 -4.32 16.83 8.07
N PRO A 65 -3.37 17.52 7.43
CA PRO A 65 -3.22 17.36 5.97
C PRO A 65 -2.99 15.91 5.57
N LEU A 66 -3.69 15.48 4.54
CA LEU A 66 -3.56 14.11 4.04
C LEU A 66 -3.91 14.10 2.56
N SER A 67 -3.12 13.38 1.77
CA SER A 67 -3.40 13.14 0.36
C SER A 67 -3.71 11.66 0.14
N VAL A 68 -4.34 11.38 -1.00
CA VAL A 68 -4.61 10.02 -1.43
C VAL A 68 -4.47 9.96 -2.94
N MET A 69 -3.79 8.94 -3.45
CA MET A 69 -3.60 8.84 -4.89
C MET A 69 -3.49 7.37 -5.29
N GLY A 70 -3.95 7.08 -6.51
CA GLY A 70 -3.73 5.77 -7.08
C GLY A 70 -2.27 5.55 -7.44
N HIS A 71 -1.86 4.26 -7.46
CA HIS A 71 -0.51 3.90 -7.88
C HIS A 71 -0.45 2.91 -9.03
N GLY A 72 -1.58 2.39 -9.52
CA GLY A 72 -1.56 1.42 -10.60
C GLY A 72 -1.13 0.05 -10.09
N MET A 73 -0.97 -0.88 -11.02
CA MET A 73 -0.63 -2.26 -10.64
C MET A 73 0.83 -2.58 -10.99
N GLY A 74 1.55 -3.08 -10.00
CA GLY A 74 2.89 -3.61 -10.17
C GLY A 74 3.98 -2.69 -9.65
N ILE A 75 5.11 -3.31 -9.32
CA ILE A 75 6.28 -2.59 -8.82
C ILE A 75 6.71 -1.43 -9.72
N PRO A 76 6.79 -1.58 -11.05
CA PRO A 76 7.26 -0.45 -11.86
C PRO A 76 6.33 0.76 -11.77
N SER A 77 5.04 0.52 -11.66
CA SER A 77 4.07 1.61 -11.59
C SER A 77 4.15 2.35 -10.25
N ILE A 78 4.10 1.60 -9.14
CA ILE A 78 4.23 2.29 -7.86
C ILE A 78 5.59 2.98 -7.74
N SER A 79 6.63 2.40 -8.33
CA SER A 79 7.95 3.01 -8.22
C SER A 79 7.98 4.40 -8.84
N ILE A 80 7.38 4.55 -10.01
CA ILE A 80 7.28 5.86 -10.64
C ILE A 80 6.58 6.85 -9.69
N TYR A 81 5.40 6.50 -9.23
CA TYR A 81 4.59 7.46 -8.49
C TYR A 81 5.20 7.78 -7.15
N ALA A 82 5.72 6.77 -6.44
CA ALA A 82 6.30 6.99 -5.11
C ALA A 82 7.63 7.73 -5.20
N GLU A 83 8.49 7.37 -6.15
CA GLU A 83 9.73 8.12 -6.33
C GLU A 83 9.42 9.61 -6.49
N GLU A 84 8.45 9.92 -7.33
CA GLU A 84 8.07 11.31 -7.57
C GLU A 84 7.55 11.97 -6.30
N LEU A 85 6.69 11.28 -5.56
CA LEU A 85 6.13 11.85 -4.35
C LEU A 85 7.21 12.18 -3.32
N TYR A 86 8.13 11.23 -3.08
CA TYR A 86 9.18 11.50 -2.10
C TYR A 86 10.16 12.56 -2.62
N ASN A 87 10.50 12.52 -3.90
CA ASN A 87 11.56 13.38 -4.42
C ASN A 87 11.05 14.79 -4.74
N VAL A 88 10.10 14.90 -5.65
CA VAL A 88 9.60 16.19 -6.13
C VAL A 88 8.61 16.79 -5.15
N TYR A 89 7.72 15.99 -4.60
CA TYR A 89 6.66 16.51 -3.76
C TYR A 89 7.01 16.53 -2.28
N LYS A 90 8.18 16.01 -1.91
CA LYS A 90 8.72 16.11 -0.55
CA LYS A 90 8.73 16.10 -0.55
C LYS A 90 7.84 15.41 0.49
N VAL A 91 7.15 14.37 0.06
CA VAL A 91 6.34 13.56 0.96
C VAL A 91 7.24 12.85 1.97
N LYS A 92 6.74 12.69 3.18
CA LYS A 92 7.50 12.06 4.26
C LYS A 92 7.03 10.65 4.59
N THR A 93 5.74 10.35 4.42
CA THR A 93 5.17 9.07 4.78
C THR A 93 4.16 8.64 3.74
N ILE A 94 4.31 7.43 3.20
CA ILE A 94 3.33 6.81 2.34
C ILE A 94 2.85 5.51 2.99
N ILE A 95 1.54 5.34 3.07
CA ILE A 95 0.94 4.07 3.45
C ILE A 95 0.19 3.53 2.26
N ARG A 96 0.61 2.37 1.78
CA ARG A 96 -0.15 1.66 0.77
C ARG A 96 -1.34 0.99 1.44
N VAL A 97 -2.51 1.21 0.85
CA VAL A 97 -3.75 0.62 1.31
CA VAL A 97 -3.79 0.69 1.29
C VAL A 97 -4.24 -0.23 0.16
N GLY A 98 -4.09 -1.54 0.32
CA GLY A 98 -4.19 -2.46 -0.80
C GLY A 98 -5.17 -3.60 -0.56
N THR A 99 -5.21 -4.48 -1.55
CA THR A 99 -5.88 -5.77 -1.44
C THR A 99 -4.84 -6.85 -1.72
N CYS A 100 -5.16 -8.08 -1.33
CA CYS A 100 -4.19 -9.15 -1.45
C CYS A 100 -4.91 -10.50 -1.47
N GLY A 101 -4.16 -11.53 -1.89
CA GLY A 101 -4.54 -12.90 -1.66
C GLY A 101 -3.78 -13.44 -0.46
N THR A 102 -4.14 -14.64 -0.03
CA THR A 102 -3.35 -15.31 0.99
C THR A 102 -3.27 -16.81 0.68
N VAL A 103 -2.15 -17.41 1.09
CA VAL A 103 -1.99 -18.87 1.13
C VAL A 103 -1.96 -19.39 2.56
N ASP A 104 -1.97 -18.52 3.55
CA ASP A 104 -1.73 -18.96 4.91
C ASP A 104 -2.98 -19.66 5.44
N PRO A 105 -2.84 -20.86 5.99
CA PRO A 105 -4.05 -21.58 6.45
C PRO A 105 -4.78 -20.88 7.58
N ASN A 106 -4.12 -19.97 8.28
CA ASN A 106 -4.72 -19.27 9.42
C ASN A 106 -5.11 -17.84 9.07
N VAL A 107 -5.03 -17.46 7.81
CA VAL A 107 -5.51 -16.17 7.33
C VAL A 107 -6.74 -16.42 6.47
N HIS A 108 -7.74 -15.58 6.62
CA HIS A 108 -9.03 -15.77 5.99
C HIS A 108 -9.42 -14.57 5.16
N VAL A 109 -10.23 -14.81 4.12
CA VAL A 109 -10.80 -13.72 3.37
C VAL A 109 -11.45 -12.72 4.33
N ARG A 110 -11.31 -11.44 4.01
CA ARG A 110 -11.77 -10.26 4.75
C ARG A 110 -10.76 -9.83 5.84
N ASP A 111 -9.76 -10.65 6.16
CA ASP A 111 -8.79 -10.25 7.18
C ASP A 111 -8.01 -9.03 6.72
N VAL A 112 -7.59 -8.25 7.71
CA VAL A 112 -6.77 -7.06 7.51
C VAL A 112 -5.34 -7.44 7.87
N CYS A 113 -4.42 -7.26 6.93
CA CYS A 113 -3.02 -7.62 7.08
C CYS A 113 -2.15 -6.37 7.14
N ILE A 114 -1.33 -6.27 8.18
CA ILE A 114 -0.37 -5.18 8.33
C ILE A 114 1.01 -5.76 8.00
N VAL A 115 1.69 -5.16 7.03
CA VAL A 115 2.89 -5.73 6.43
C VAL A 115 4.14 -5.22 7.14
N THR A 116 4.98 -6.14 7.60
CA THR A 116 6.25 -5.76 8.21
C THR A 116 7.40 -5.71 7.20
N ALA A 117 7.36 -6.57 6.18
CA ALA A 117 8.38 -6.62 5.14
C ALA A 117 7.76 -7.42 4.01
N SER A 118 8.34 -7.30 2.81
CA SER A 118 7.77 -7.95 1.63
CA SER A 118 7.79 -7.93 1.62
C SER A 118 8.86 -8.58 0.79
N GLY A 119 8.67 -9.84 0.44
CA GLY A 119 9.51 -10.51 -0.54
C GLY A 119 9.07 -10.16 -1.94
N THR A 120 9.81 -10.65 -2.94
CA THR A 120 9.47 -10.35 -4.32
C THR A 120 10.20 -11.27 -5.27
N ASP A 121 9.65 -11.39 -6.48
CA ASP A 121 10.31 -12.00 -7.61
C ASP A 121 10.85 -10.97 -8.59
N SER A 122 10.78 -9.69 -8.24
CA SER A 122 11.35 -8.61 -9.04
C SER A 122 12.86 -8.50 -8.80
N ASN A 123 13.56 -7.91 -9.76
CA ASN A 123 14.98 -7.61 -9.63
CA ASN A 123 14.98 -7.63 -9.58
C ASN A 123 15.28 -6.22 -9.08
N VAL A 124 14.26 -5.41 -8.78
CA VAL A 124 14.54 -4.01 -8.51
C VAL A 124 15.39 -3.79 -7.27
N ASN A 125 15.27 -4.67 -6.26
CA ASN A 125 16.01 -4.44 -5.02
C ASN A 125 17.42 -5.01 -5.10
N ARG A 126 17.60 -6.12 -5.82
CA ARG A 126 18.95 -6.59 -6.10
C ARG A 126 19.74 -5.51 -6.80
N MET A 127 19.11 -4.80 -7.74
CA MET A 127 19.80 -3.75 -8.48
CA MET A 127 19.78 -3.75 -8.48
C MET A 127 20.23 -2.60 -7.59
N ARG A 128 19.60 -2.42 -6.43
CA ARG A 128 19.95 -1.35 -5.51
C ARG A 128 21.07 -1.74 -4.55
N LEU A 129 21.31 -3.03 -4.34
CA LEU A 129 22.24 -3.47 -3.30
C LEU A 129 23.26 -4.46 -3.86
N LEU A 130 23.84 -4.12 -5.02
CA LEU A 130 24.99 -4.85 -5.58
CA LEU A 130 24.99 -4.85 -5.58
C LEU A 130 24.67 -6.33 -5.80
N GLY A 131 23.41 -6.62 -6.13
CA GLY A 131 22.96 -7.95 -6.43
C GLY A 131 22.58 -8.79 -5.23
N HIS A 132 22.65 -8.24 -4.03
CA HIS A 132 22.43 -8.98 -2.80
C HIS A 132 20.96 -8.93 -2.39
N ASP A 133 20.64 -9.54 -1.24
CA ASP A 133 19.29 -9.54 -0.68
C ASP A 133 19.10 -8.27 0.14
N PHE A 134 18.16 -7.45 -0.30
CA PHE A 134 17.78 -6.17 0.31
C PHE A 134 16.34 -6.34 0.77
N PRO A 135 16.07 -6.50 2.07
CA PRO A 135 14.68 -6.69 2.50
C PRO A 135 13.87 -5.41 2.36
N ALA A 136 12.77 -5.50 1.64
CA ALA A 136 11.81 -4.40 1.57
C ALA A 136 11.07 -4.36 2.90
N THR A 137 11.37 -3.36 3.72
CA THR A 137 11.02 -3.37 5.13
C THR A 137 10.19 -2.13 5.45
N ALA A 138 9.02 -2.34 6.06
CA ALA A 138 8.21 -1.23 6.50
C ALA A 138 8.87 -0.50 7.67
N ASN A 139 8.60 0.80 7.76
CA ASN A 139 9.07 1.58 8.88
C ASN A 139 8.35 1.18 10.15
N PHE A 140 9.10 1.01 11.25
CA PHE A 140 8.53 0.50 12.50
C PHE A 140 7.47 1.43 13.07
N GLU A 141 7.69 2.74 13.02
CA GLU A 141 6.69 3.68 13.54
C GLU A 141 5.39 3.57 12.75
N VAL A 142 5.49 3.35 11.43
CA VAL A 142 4.28 3.20 10.64
C VAL A 142 3.55 1.90 10.99
N VAL A 143 4.30 0.78 11.06
CA VAL A 143 3.67 -0.48 11.45
C VAL A 143 2.98 -0.33 12.80
N SER A 144 3.69 0.26 13.76
CA SER A 144 3.15 0.41 15.10
CA SER A 144 3.15 0.41 15.10
C SER A 144 1.90 1.28 15.11
N ALA A 145 1.91 2.35 14.32
CA ALA A 145 0.73 3.21 14.27
C ALA A 145 -0.48 2.46 13.72
N LEU A 146 -0.27 1.63 12.70
CA LEU A 146 -1.35 0.81 12.16
C LEU A 146 -1.85 -0.20 13.19
N VAL A 147 -0.92 -0.90 13.86
CA VAL A 147 -1.31 -1.89 14.86
C VAL A 147 -2.09 -1.24 15.98
N GLU A 148 -1.61 -0.10 16.46
CA GLU A 148 -2.27 0.53 17.61
CA GLU A 148 -2.25 0.57 17.60
C GLU A 148 -3.61 1.12 17.22
N SER A 149 -3.73 1.64 16.00
CA SER A 149 -5.01 2.15 15.55
C SER A 149 -6.04 1.04 15.46
N ALA A 150 -5.67 -0.11 14.88
CA ALA A 150 -6.60 -1.24 14.82
C ALA A 150 -7.01 -1.69 16.22
N LYS A 151 -6.07 -1.71 17.17
CA LYS A 151 -6.41 -2.10 18.53
CA LYS A 151 -6.42 -2.11 18.53
C LYS A 151 -7.44 -1.15 19.14
N ALA A 152 -7.22 0.16 18.99
CA ALA A 152 -8.15 1.14 19.53
C ALA A 152 -9.52 1.03 18.87
N LEU A 153 -9.57 0.61 17.61
CA LEU A 153 -10.83 0.42 16.89
C LEU A 153 -11.43 -0.97 17.11
N ASN A 154 -10.76 -1.84 17.85
CA ASN A 154 -11.23 -3.21 18.09
C ASN A 154 -11.42 -3.98 16.79
N ILE A 155 -10.51 -3.80 15.85
CA ILE A 155 -10.49 -4.52 14.58
C ILE A 155 -9.31 -5.49 14.61
N PRO A 156 -9.53 -6.81 14.54
CA PRO A 156 -8.40 -7.74 14.51
C PRO A 156 -7.55 -7.57 13.27
N THR A 157 -6.27 -7.88 13.40
CA THR A 157 -5.33 -7.79 12.29
C THR A 157 -4.39 -8.98 12.32
N GLN A 158 -3.84 -9.27 11.15
CA GLN A 158 -2.71 -10.16 10.98
C GLN A 158 -1.49 -9.30 10.68
N VAL A 159 -0.37 -9.59 11.33
CA VAL A 159 0.85 -8.80 11.16
C VAL A 159 1.93 -9.75 10.65
N GLY A 160 2.61 -9.37 9.57
CA GLY A 160 3.63 -10.26 9.04
C GLY A 160 4.05 -9.91 7.62
N LYS A 161 4.69 -10.87 6.97
CA LYS A 161 5.31 -10.66 5.68
C LYS A 161 4.32 -10.71 4.53
N ALA A 162 4.54 -9.86 3.54
CA ALA A 162 3.89 -9.95 2.24
C ALA A 162 4.87 -10.48 1.20
N TYR A 163 4.32 -10.84 0.04
CA TYR A 163 5.11 -11.22 -1.14
C TYR A 163 4.53 -10.44 -2.30
N SER A 164 5.39 -9.64 -2.93
CA SER A 164 5.01 -8.78 -4.06
C SER A 164 5.51 -9.44 -5.35
N THR A 165 4.58 -9.90 -6.17
CA THR A 165 4.93 -10.57 -7.41
C THR A 165 4.70 -9.66 -8.61
N ASP A 166 5.55 -9.85 -9.62
CA ASP A 166 5.37 -9.24 -10.93
C ASP A 166 4.30 -9.92 -11.77
N ILE A 167 3.85 -11.12 -11.37
CA ILE A 167 3.02 -11.97 -12.22
C ILE A 167 1.74 -12.35 -11.45
N PHE A 168 0.67 -11.62 -11.72
CA PHE A 168 -0.62 -11.97 -11.14
C PHE A 168 -1.03 -13.39 -11.51
N TYR A 169 -0.87 -13.75 -12.79
CA TYR A 169 -1.28 -15.07 -13.29
C TYR A 169 -0.12 -16.06 -13.18
N SER A 170 0.14 -16.50 -11.95
CA SER A 170 1.28 -17.35 -11.69
C SER A 170 1.10 -18.73 -12.31
N LYS A 171 2.20 -19.24 -12.86
CA LYS A 171 2.29 -20.61 -13.37
C LYS A 171 3.39 -21.37 -12.65
N GLU A 172 3.78 -20.91 -11.47
CA GLU A 172 5.00 -21.36 -10.80
C GLU A 172 4.70 -22.45 -9.78
N GLN A 173 5.09 -23.68 -10.10
CA GLN A 173 4.89 -24.81 -9.20
C GLN A 173 5.73 -24.62 -7.95
N GLY A 174 5.14 -24.91 -6.80
CA GLY A 174 5.83 -24.87 -5.53
C GLY A 174 5.84 -23.53 -4.84
N LEU A 175 5.44 -22.45 -5.51
CA LEU A 175 5.49 -21.13 -4.90
C LEU A 175 4.55 -21.05 -3.69
N ASN A 176 3.30 -21.47 -3.86
CA ASN A 176 2.34 -21.30 -2.77
C ASN A 176 2.75 -22.11 -1.55
N GLU A 177 3.31 -23.29 -1.78
N GLU A 177 3.29 -23.32 -1.77
CA GLU A 177 3.73 -24.15 -0.68
CA GLU A 177 3.72 -24.14 -0.65
C GLU A 177 4.88 -23.53 0.10
C GLU A 177 4.85 -23.46 0.11
N ALA A 178 5.82 -22.88 -0.59
CA ALA A 178 6.92 -22.20 0.08
C ALA A 178 6.44 -20.97 0.83
N LEU A 179 5.56 -20.18 0.20
CA LEU A 179 5.01 -19.01 0.89
C LEU A 179 4.30 -19.42 2.17
N ALA A 180 3.54 -20.52 2.13
CA ALA A 180 2.84 -21.00 3.32
C ALA A 180 3.83 -21.52 4.36
N GLN A 181 4.85 -22.25 3.92
CA GLN A 181 5.81 -22.83 4.87
C GLN A 181 6.44 -21.75 5.72
N TYR A 182 6.71 -20.59 5.15
CA TYR A 182 7.39 -19.50 5.84
C TYR A 182 6.46 -18.41 6.32
N HIS A 183 5.15 -18.67 6.29
CA HIS A 183 4.15 -17.81 6.92
C HIS A 183 4.10 -16.42 6.30
N PHE A 184 4.22 -16.34 4.98
CA PHE A 184 3.83 -15.13 4.27
C PHE A 184 2.32 -15.02 4.33
N ILE A 185 1.82 -13.85 4.77
CA ILE A 185 0.39 -13.69 5.03
C ILE A 185 -0.35 -13.04 3.87
N ALA A 186 0.34 -12.31 3.00
CA ALA A 186 -0.30 -11.55 1.95
C ALA A 186 0.47 -11.70 0.65
N VAL A 187 -0.26 -11.89 -0.44
CA VAL A 187 0.29 -11.92 -1.79
C VAL A 187 -0.31 -10.75 -2.55
N GLU A 188 0.54 -9.83 -3.00
CA GLU A 188 0.11 -8.63 -3.70
C GLU A 188 1.21 -8.30 -4.72
N MET A 189 1.24 -7.05 -5.20
CA MET A 189 2.11 -6.73 -6.32
C MET A 189 2.94 -5.46 -6.18
N GLU A 190 2.86 -4.73 -5.07
CA GLU A 190 3.53 -3.43 -5.03
C GLU A 190 4.43 -3.13 -3.83
N SER A 191 4.13 -3.67 -2.64
CA SER A 191 4.78 -3.13 -1.44
C SER A 191 6.30 -3.29 -1.46
N ALA A 192 6.82 -4.38 -2.06
CA ALA A 192 8.27 -4.56 -2.09
C ALA A 192 8.99 -3.50 -2.92
N GLY A 193 8.28 -2.81 -3.82
CA GLY A 193 8.87 -1.70 -4.53
C GLY A 193 8.84 -0.39 -3.79
N LEU A 194 7.89 -0.24 -2.87
CA LEU A 194 7.70 1.01 -2.15
C LEU A 194 8.74 1.20 -1.04
N PHE A 195 8.98 0.17 -0.23
CA PHE A 195 9.79 0.36 0.97
C PHE A 195 11.22 0.79 0.65
N PRO A 196 11.89 0.25 -0.36
CA PRO A 196 13.27 0.71 -0.63
C PRO A 196 13.36 2.12 -1.14
N ILE A 197 12.32 2.62 -1.82
CA ILE A 197 12.30 4.00 -2.27
C ILE A 197 12.19 4.93 -1.07
N ALA A 198 11.32 4.60 -0.13
CA ALA A 198 11.26 5.37 1.11
C ALA A 198 12.64 5.41 1.76
N ASP A 199 13.33 4.27 1.83
CA ASP A 199 14.68 4.24 2.40
C ASP A 199 15.61 5.21 1.69
N TYR A 200 15.61 5.17 0.35
CA TYR A 200 16.53 6.01 -0.41
C TYR A 200 16.38 7.48 0.00
N TYR A 201 15.15 7.92 0.25
CA TYR A 201 14.86 9.31 0.58
C TYR A 201 14.86 9.60 2.07
N GLY A 202 15.26 8.63 2.90
CA GLY A 202 15.23 8.84 4.34
C GLY A 202 13.84 9.05 4.88
N ALA A 203 12.85 8.46 4.22
CA ALA A 203 11.44 8.67 4.49
C ALA A 203 10.82 7.36 5.01
N ARG A 204 9.51 7.36 5.15
N ARG A 204 9.50 7.37 5.15
CA ARG A 204 8.80 6.26 5.81
CA ARG A 204 8.76 6.31 5.83
C ARG A 204 7.71 5.71 4.91
C ARG A 204 7.71 5.71 4.90
N ALA A 205 7.49 4.40 5.04
CA ALA A 205 6.44 3.72 4.32
C ALA A 205 5.90 2.54 5.11
N GLY A 206 4.65 2.20 4.84
CA GLY A 206 4.05 0.99 5.35
C GLY A 206 3.00 0.51 4.39
N CYS A 207 2.38 -0.62 4.72
CA CYS A 207 1.34 -1.20 3.90
C CYS A 207 0.33 -1.95 4.77
N ILE A 208 -0.96 -1.77 4.44
CA ILE A 208 -2.04 -2.54 5.03
C ILE A 208 -2.91 -3.00 3.86
N CYS A 209 -3.37 -4.25 3.91
CA CYS A 209 -4.14 -4.84 2.82
CA CYS A 209 -4.20 -4.76 2.82
C CYS A 209 -5.27 -5.68 3.38
N THR A 210 -6.35 -5.80 2.62
CA THR A 210 -7.43 -6.72 2.94
C THR A 210 -7.35 -7.94 2.03
N VAL A 211 -7.67 -9.10 2.60
CA VAL A 211 -7.63 -10.36 1.88
C VAL A 211 -8.91 -10.50 1.04
N SER A 212 -8.77 -10.44 -0.27
CA SER A 212 -9.91 -10.64 -1.16
CA SER A 212 -9.89 -10.65 -1.19
C SER A 212 -10.13 -12.11 -1.52
N ASP A 213 -9.06 -12.92 -1.52
CA ASP A 213 -9.18 -14.28 -2.00
CA ASP A 213 -9.14 -14.29 -2.03
C ASP A 213 -8.20 -15.16 -1.25
N HIS A 214 -8.62 -16.39 -0.98
CA HIS A 214 -7.72 -17.40 -0.46
C HIS A 214 -7.25 -18.24 -1.64
N ILE A 215 -5.95 -18.17 -1.91
CA ILE A 215 -5.38 -18.77 -3.11
C ILE A 215 -5.46 -20.30 -3.07
N ILE A 216 -5.50 -20.88 -1.88
CA ILE A 216 -5.54 -22.34 -1.76
C ILE A 216 -6.98 -22.84 -1.83
N THR A 217 -7.83 -22.38 -0.91
CA THR A 217 -9.18 -22.88 -0.80
C THR A 217 -10.12 -22.31 -1.86
N HIS A 218 -9.74 -21.20 -2.49
CA HIS A 218 -10.53 -20.50 -3.50
C HIS A 218 -11.69 -19.72 -2.91
N GLU A 219 -11.76 -19.58 -1.59
CA GLU A 219 -12.70 -18.64 -0.99
C GLU A 219 -12.45 -17.26 -1.58
N SER A 220 -13.52 -16.51 -1.78
CA SER A 220 -13.43 -15.19 -2.38
C SER A 220 -14.47 -14.30 -1.70
N ALA A 221 -14.06 -13.07 -1.40
CA ALA A 221 -14.99 -12.12 -0.79
C ALA A 221 -15.99 -11.62 -1.82
N THR A 222 -17.25 -11.55 -1.42
CA THR A 222 -18.29 -10.95 -2.26
C THR A 222 -18.10 -9.44 -2.32
N PRO A 223 -18.79 -8.75 -3.24
CA PRO A 223 -18.65 -7.29 -3.29
C PRO A 223 -18.99 -6.59 -1.98
N GLU A 224 -20.05 -7.05 -1.31
CA GLU A 224 -20.43 -6.49 -0.02
C GLU A 224 -19.35 -6.72 1.01
N GLU A 225 -18.76 -7.93 1.02
CA GLU A 225 -17.70 -8.24 1.98
C GLU A 225 -16.44 -7.41 1.72
N ARG A 226 -16.12 -7.18 0.45
CA ARG A 226 -14.98 -6.32 0.14
C ARG A 226 -15.22 -4.89 0.59
N GLN A 227 -16.47 -4.40 0.50
CA GLN A 227 -16.75 -3.05 0.99
C GLN A 227 -16.58 -2.97 2.49
N THR A 228 -17.06 -3.96 3.24
CA THR A 228 -16.89 -3.95 4.69
CA THR A 228 -16.89 -3.92 4.68
C THR A 228 -15.42 -4.04 5.08
N SER A 229 -14.67 -4.94 4.43
CA SER A 229 -13.26 -5.04 4.78
CA SER A 229 -13.24 -5.06 4.72
C SER A 229 -12.52 -3.76 4.43
N PHE A 230 -12.85 -3.14 3.29
CA PHE A 230 -12.25 -1.85 2.94
C PHE A 230 -12.55 -0.81 4.02
N GLN A 231 -13.80 -0.74 4.48
CA GLN A 231 -14.14 0.25 5.51
C GLN A 231 -13.32 0.05 6.79
N ASN A 232 -13.08 -1.21 7.17
CA ASN A 232 -12.23 -1.47 8.34
C ASN A 232 -10.80 -1.02 8.07
N MET A 233 -10.23 -1.43 6.94
CA MET A 233 -8.85 -1.10 6.64
CA MET A 233 -8.84 -1.10 6.69
C MET A 233 -8.63 0.40 6.53
N ILE A 234 -9.53 1.09 5.82
CA ILE A 234 -9.29 2.51 5.59
C ILE A 234 -9.41 3.29 6.90
N LYS A 235 -10.30 2.88 7.81
CA LYS A 235 -10.38 3.57 9.10
C LYS A 235 -9.10 3.37 9.89
N ILE A 236 -8.53 2.18 9.86
CA ILE A 236 -7.25 1.93 10.53
C ILE A 236 -6.18 2.84 9.95
N ALA A 237 -6.09 2.89 8.62
CA ALA A 237 -5.05 3.69 7.98
C ALA A 237 -5.22 5.17 8.29
N LEU A 238 -6.44 5.68 8.20
CA LEU A 238 -6.69 7.09 8.46
C LEU A 238 -6.34 7.45 9.90
N GLU A 239 -6.77 6.63 10.85
CA GLU A 239 -6.43 6.92 12.24
C GLU A 239 -4.92 6.85 12.46
N ALA A 240 -4.24 5.91 11.78
CA ALA A 240 -2.79 5.82 11.92
C ALA A 240 -2.09 7.10 11.44
N THR A 241 -2.64 7.77 10.41
CA THR A 241 -1.98 8.98 9.94
C THR A 241 -1.91 10.05 11.02
N LEU A 242 -2.84 10.04 11.97
CA LEU A 242 -2.84 11.06 13.02
C LEU A 242 -1.65 10.89 13.95
N LYS A 243 -1.05 9.71 13.99
CA LYS A 243 0.10 9.40 14.82
C LYS A 243 1.41 9.58 14.07
N LEU A 244 1.36 10.00 12.81
CA LEU A 244 2.53 10.00 11.92
C LEU A 244 2.79 11.39 11.33
#